data_3O1H
#
_entry.id   3O1H
#
_cell.length_a   128.059
_cell.length_b   306.984
_cell.length_c   78.695
_cell.angle_alpha   90.00
_cell.angle_beta   90.00
_cell.angle_gamma   90.00
#
_symmetry.space_group_name_H-M   'C 2 2 21'
#
loop_
_entity.id
_entity.type
_entity.pdbx_description
1 polymer 'Sensor protein TorS'
2 polymer 'Periplasmic protein TorT'
3 non-polymer 'trimethylamine oxide'
4 water water
#
loop_
_entity_poly.entity_id
_entity_poly.type
_entity_poly.pdbx_seq_one_letter_code
_entity_poly.pdbx_strand_id
1 'polypeptide(L)'
;GSGSAMIEARQVSELSTRIISSVQMLSNAQNEQERKEAGRVLFEQLESLLTHIKELGGESFDSKLLDALESNVQNVINNL
AELGVTVERKLWLAKEIDTRVEEMRLLSEELEQLTRTQVQNTSTIAVANVTHIYDLLEANKKDQVYQALDALVEVDLDLT
ERLHELHLLAFKMLNQIEEARTLTNVDRIQQIQTAFENNLKIMKRRVLAVEDPTRSKQMSQLLTELGKRQVVFTILLQQY
ENNEQSQQLMQKTLELFSELNSTVNKLVDDSNKTTTK
;
A
2 'polypeptide(L)'
;GSGSDEKICAIYPHLKDSYWLSVNYGMVSEAEKQGVNLRVLEAGGYPNKSRQEQQLALCTQWGANAIILGTVDPHAYEHN
LKSWVGNTPVFATVNQLDLDEEQSTLLKGEVGVDWYWMGYEAGKYLAERHPKGSGKTNIALLLGPRTRGGTKPVTTGFYE
AIKNSDIHIVDSFWADNDKELQRNLVQRVIDMGNIDYIVGSAVAIEAAISELRSADKTHDIGLVSVYLSHGVYRGLLRNK
VLFAPTDKMVQQGRLSVMQAAHYLRHQPYEKQASPIIKPLTPKTLHDDTIEESLSPSEYRPTFS
;
B
#
# COMPACT_ATOMS: atom_id res chain seq x y z
N SER A 4 -48.06 25.06 48.94
CA SER A 4 -47.85 24.87 47.47
C SER A 4 -46.38 24.95 47.12
N ALA A 5 -45.57 25.39 48.08
CA ALA A 5 -44.13 25.49 47.86
C ALA A 5 -43.51 24.11 47.90
N MET A 6 -44.14 23.20 48.63
CA MET A 6 -43.64 21.83 48.72
C MET A 6 -44.02 21.12 47.43
N ILE A 7 -45.06 21.62 46.78
CA ILE A 7 -45.54 21.06 45.51
C ILE A 7 -44.51 21.22 44.40
N GLU A 8 -43.79 22.35 44.44
CA GLU A 8 -42.78 22.65 43.44
C GLU A 8 -41.40 22.14 43.85
N ALA A 9 -41.07 22.26 45.14
CA ALA A 9 -39.78 21.81 45.64
C ALA A 9 -39.50 20.36 45.23
N ARG A 10 -40.42 19.46 45.56
CA ARG A 10 -40.28 18.05 45.21
C ARG A 10 -40.25 17.94 43.68
N GLN A 11 -41.07 18.75 43.03
CA GLN A 11 -41.12 18.78 41.56
C GLN A 11 -39.73 19.10 40.99
N VAL A 12 -39.01 19.97 41.68
CA VAL A 12 -37.67 20.36 41.28
C VAL A 12 -36.70 19.22 41.55
N SER A 13 -36.69 18.73 42.79
CA SER A 13 -35.82 17.62 43.20
C SER A 13 -35.98 16.43 42.25
N GLU A 14 -37.21 16.24 41.76
CA GLU A 14 -37.56 15.17 40.83
C GLU A 14 -36.95 15.41 39.44
N LEU A 15 -37.14 16.62 38.91
CA LEU A 15 -36.60 16.97 37.61
C LEU A 15 -35.08 17.13 37.66
N SER A 16 -34.54 17.38 38.85
CA SER A 16 -33.10 17.52 38.99
C SER A 16 -32.44 16.20 38.60
N THR A 17 -32.95 15.11 39.17
CA THR A 17 -32.43 13.78 38.89
C THR A 17 -32.55 13.40 37.41
N ARG A 18 -33.70 13.65 36.81
CA ARG A 18 -33.89 13.32 35.40
C ARG A 18 -32.96 14.15 34.48
N ILE A 19 -32.55 15.33 34.96
CA ILE A 19 -31.65 16.20 34.20
C ILE A 19 -30.26 15.56 34.17
N ILE A 20 -29.75 15.25 35.36
CA ILE A 20 -28.44 14.62 35.50
C ILE A 20 -28.33 13.40 34.58
N SER A 21 -29.30 12.50 34.68
CA SER A 21 -29.29 11.30 33.85
C SER A 21 -29.42 11.64 32.38
N SER A 22 -29.66 12.91 32.08
CA SER A 22 -29.80 13.34 30.70
C SER A 22 -28.47 13.93 30.24
N VAL A 23 -27.68 14.43 31.19
CA VAL A 23 -26.38 14.99 30.87
C VAL A 23 -25.41 13.83 30.67
N GLN A 24 -25.53 12.81 31.54
CA GLN A 24 -24.69 11.62 31.45
C GLN A 24 -24.94 11.08 30.05
N MET A 25 -26.21 10.90 29.74
CA MET A 25 -26.61 10.42 28.43
C MET A 25 -25.98 11.27 27.33
N LEU A 26 -26.02 12.59 27.50
CA LEU A 26 -25.45 13.52 26.52
C LEU A 26 -23.96 13.23 26.38
N SER A 27 -23.31 13.09 27.52
CA SER A 27 -21.89 12.81 27.57
C SER A 27 -21.55 11.62 26.68
N ASN A 28 -22.07 10.45 27.05
CA ASN A 28 -21.81 9.24 26.30
C ASN A 28 -22.57 9.15 24.97
N ALA A 29 -22.61 10.25 24.23
CA ALA A 29 -23.28 10.27 22.93
C ALA A 29 -22.17 10.09 21.92
N GLN A 30 -22.49 9.52 20.76
CA GLN A 30 -21.44 9.31 19.76
C GLN A 30 -21.51 10.04 18.42
N ASN A 31 -22.61 9.94 17.68
CA ASN A 31 -22.67 10.68 16.42
C ASN A 31 -23.37 12.01 16.65
N GLU A 32 -23.39 12.89 15.64
CA GLU A 32 -24.04 14.19 15.79
C GLU A 32 -25.54 14.03 15.71
N GLN A 33 -26.04 12.93 16.28
CA GLN A 33 -27.46 12.61 16.34
C GLN A 33 -27.85 12.24 17.75
N GLU A 34 -27.11 11.32 18.34
CA GLU A 34 -27.38 10.94 19.73
C GLU A 34 -27.09 12.18 20.57
N ARG A 35 -26.32 13.10 19.98
CA ARG A 35 -25.95 14.33 20.65
C ARG A 35 -27.13 15.29 20.53
N LYS A 36 -27.63 15.40 19.30
CA LYS A 36 -28.77 16.26 19.03
C LYS A 36 -29.97 15.82 19.88
N GLU A 37 -30.05 14.54 20.22
CA GLU A 37 -31.17 14.05 21.00
C GLU A 37 -31.02 14.18 22.50
N ALA A 38 -30.16 13.35 23.09
CA ALA A 38 -29.95 13.37 24.54
C ALA A 38 -29.88 14.81 25.06
N GLY A 39 -29.54 15.73 24.16
CA GLY A 39 -29.46 17.13 24.51
C GLY A 39 -30.79 17.84 24.32
N ARG A 40 -31.46 17.55 23.22
CA ARG A 40 -32.75 18.18 22.93
C ARG A 40 -33.74 17.89 24.05
N VAL A 41 -33.66 16.69 24.64
CA VAL A 41 -34.54 16.34 25.73
C VAL A 41 -33.96 16.97 27.01
N LEU A 42 -32.65 17.18 27.03
CA LEU A 42 -32.01 17.79 28.19
C LEU A 42 -32.57 19.20 28.23
N PHE A 43 -32.80 19.76 27.04
CA PHE A 43 -33.35 21.09 26.92
C PHE A 43 -34.74 21.18 27.53
N GLU A 44 -35.67 20.42 26.97
CA GLU A 44 -37.04 20.43 27.48
C GLU A 44 -37.10 20.20 28.98
N GLN A 45 -36.36 19.21 29.47
CA GLN A 45 -36.35 18.93 30.90
C GLN A 45 -35.88 20.15 31.68
N LEU A 46 -35.08 20.99 31.04
CA LEU A 46 -34.57 22.18 31.69
C LEU A 46 -35.64 23.27 31.73
N GLU A 47 -36.31 23.48 30.59
CA GLU A 47 -37.35 24.50 30.52
C GLU A 47 -38.44 24.22 31.56
N SER A 48 -38.48 22.99 32.07
CA SER A 48 -39.46 22.62 33.08
C SER A 48 -38.89 22.93 34.44
N LEU A 49 -37.63 22.58 34.66
CA LEU A 49 -37.00 22.88 35.94
C LEU A 49 -37.11 24.37 36.18
N LEU A 50 -37.26 25.13 35.08
CA LEU A 50 -37.38 26.58 35.19
C LEU A 50 -38.78 27.04 35.54
N THR A 51 -39.80 26.57 34.81
CA THR A 51 -41.16 26.98 35.13
C THR A 51 -41.39 26.75 36.63
N HIS A 52 -41.06 25.55 37.09
CA HIS A 52 -41.23 25.21 38.50
C HIS A 52 -40.34 26.05 39.41
N ILE A 53 -39.07 26.22 39.04
CA ILE A 53 -38.17 27.02 39.86
C ILE A 53 -38.65 28.47 39.92
N LYS A 54 -39.45 28.87 38.93
CA LYS A 54 -39.98 30.23 38.87
C LYS A 54 -41.14 30.40 39.84
N GLU A 55 -42.12 29.51 39.73
CA GLU A 55 -43.29 29.55 40.61
C GLU A 55 -42.83 29.51 42.05
N LEU A 56 -41.98 28.54 42.37
CA LEU A 56 -41.43 28.41 43.71
C LEU A 56 -40.72 29.71 44.07
N GLY A 57 -40.38 30.49 43.05
CA GLY A 57 -39.70 31.75 43.28
C GLY A 57 -40.63 32.83 43.78
N GLY A 58 -41.91 32.48 43.93
CA GLY A 58 -42.87 33.44 44.42
C GLY A 58 -43.23 33.23 45.87
N GLU A 59 -43.11 31.99 46.34
CA GLU A 59 -43.45 31.65 47.73
C GLU A 59 -42.51 32.25 48.77
N SER A 60 -41.64 33.15 48.35
CA SER A 60 -40.71 33.80 49.28
C SER A 60 -40.18 35.12 48.71
N PHE A 61 -39.84 36.04 49.61
CA PHE A 61 -39.32 37.33 49.20
C PHE A 61 -38.08 37.75 49.96
N ASP A 62 -37.36 36.76 50.48
CA ASP A 62 -36.12 37.04 51.20
C ASP A 62 -35.04 37.39 50.18
N SER A 63 -34.62 38.65 50.21
CA SER A 63 -33.60 39.16 49.28
C SER A 63 -32.39 38.24 49.18
N LYS A 64 -31.84 37.87 50.34
CA LYS A 64 -30.66 37.00 50.40
C LYS A 64 -30.85 35.64 49.70
N LEU A 65 -32.02 35.03 49.90
CA LEU A 65 -32.31 33.73 49.31
C LEU A 65 -32.75 33.78 47.84
N LEU A 66 -33.64 34.71 47.52
CA LEU A 66 -34.10 34.83 46.14
C LEU A 66 -32.93 35.07 45.18
N ASP A 67 -31.89 35.76 45.66
CA ASP A 67 -30.73 36.03 44.82
C ASP A 67 -29.85 34.79 44.76
N ALA A 68 -29.68 34.13 45.90
CA ALA A 68 -28.87 32.93 45.96
C ALA A 68 -29.52 31.84 45.09
N LEU A 69 -30.81 31.96 44.83
CA LEU A 69 -31.49 30.99 43.99
C LEU A 69 -31.23 31.34 42.53
N GLU A 70 -31.46 32.61 42.18
CA GLU A 70 -31.24 33.09 40.80
C GLU A 70 -29.84 32.69 40.37
N SER A 71 -28.93 32.74 41.33
CA SER A 71 -27.54 32.41 41.10
C SER A 71 -27.29 30.93 40.87
N ASN A 72 -27.85 30.10 41.75
CA ASN A 72 -27.71 28.65 41.66
C ASN A 72 -28.27 28.09 40.37
N VAL A 73 -29.32 28.73 39.85
CA VAL A 73 -29.91 28.27 38.62
C VAL A 73 -29.06 28.63 37.42
N GLN A 74 -28.42 29.79 37.44
CA GLN A 74 -27.59 30.19 36.31
C GLN A 74 -26.38 29.30 36.21
N ASN A 75 -25.71 29.08 37.35
CA ASN A 75 -24.53 28.23 37.40
C ASN A 75 -24.88 26.86 36.84
N VAL A 76 -26.02 26.32 37.24
CA VAL A 76 -26.46 25.03 36.75
C VAL A 76 -26.70 25.10 35.24
N ILE A 77 -27.14 26.26 34.76
CA ILE A 77 -27.39 26.39 33.32
C ILE A 77 -26.09 26.52 32.54
N ASN A 78 -25.17 27.36 33.01
CA ASN A 78 -23.90 27.51 32.32
C ASN A 78 -23.17 26.18 32.26
N ASN A 79 -23.33 25.37 33.31
CA ASN A 79 -22.67 24.09 33.36
C ASN A 79 -23.17 23.19 32.25
N LEU A 80 -24.46 22.87 32.26
CA LEU A 80 -25.01 22.04 31.21
C LEU A 80 -24.62 22.61 29.85
N ALA A 81 -24.44 23.92 29.81
CA ALA A 81 -24.06 24.59 28.57
C ALA A 81 -22.64 24.24 28.18
N GLU A 82 -21.69 24.54 29.08
CA GLU A 82 -20.29 24.25 28.83
C GLU A 82 -20.08 22.77 28.55
N LEU A 83 -20.84 21.92 29.21
CA LEU A 83 -20.73 20.49 29.01
C LEU A 83 -21.28 20.10 27.66
N GLY A 84 -22.41 20.69 27.29
CA GLY A 84 -23.01 20.37 26.01
C GLY A 84 -22.12 20.79 24.85
N VAL A 85 -21.24 21.75 25.11
CA VAL A 85 -20.31 22.24 24.09
C VAL A 85 -19.13 21.27 24.02
N THR A 86 -18.75 20.75 25.17
CA THR A 86 -17.66 19.80 25.25
C THR A 86 -17.99 18.57 24.40
N VAL A 87 -19.18 17.99 24.61
CA VAL A 87 -19.61 16.83 23.84
C VAL A 87 -19.67 17.19 22.35
N GLU A 88 -19.81 18.47 22.08
CA GLU A 88 -19.87 18.97 20.71
C GLU A 88 -18.44 18.97 20.17
N ARG A 89 -17.51 19.52 20.95
CA ARG A 89 -16.11 19.58 20.55
C ARG A 89 -15.53 18.19 20.42
N LYS A 90 -16.00 17.26 21.25
CA LYS A 90 -15.51 15.89 21.20
C LYS A 90 -15.74 15.28 19.82
N LEU A 91 -16.99 15.29 19.37
CA LEU A 91 -17.36 14.75 18.08
C LEU A 91 -16.52 15.32 16.94
N TRP A 92 -16.10 16.57 17.09
CA TRP A 92 -15.28 17.23 16.07
C TRP A 92 -13.87 16.67 16.12
N LEU A 93 -13.27 16.62 17.31
CA LEU A 93 -11.92 16.09 17.45
C LEU A 93 -11.82 14.69 16.85
N ALA A 94 -12.79 13.82 17.19
CA ALA A 94 -12.80 12.47 16.66
C ALA A 94 -12.82 12.50 15.14
N LYS A 95 -13.63 13.39 14.58
CA LYS A 95 -13.75 13.55 13.13
C LYS A 95 -12.39 13.99 12.56
N GLU A 96 -11.77 14.97 13.22
CA GLU A 96 -10.49 15.49 12.77
C GLU A 96 -9.41 14.43 12.83
N ILE A 97 -9.16 13.89 14.03
CA ILE A 97 -8.16 12.85 14.24
C ILE A 97 -8.29 11.69 13.26
N ASP A 98 -9.45 11.04 13.27
CA ASP A 98 -9.67 9.91 12.39
C ASP A 98 -9.30 10.29 10.94
N THR A 99 -9.61 11.52 10.56
CA THR A 99 -9.30 11.99 9.20
C THR A 99 -7.80 12.18 9.01
N ARG A 100 -7.23 13.06 9.83
CA ARG A 100 -5.82 13.37 9.77
C ARG A 100 -4.91 12.15 9.87
N VAL A 101 -5.30 11.17 10.68
CA VAL A 101 -4.49 9.96 10.83
C VAL A 101 -4.45 9.23 9.48
N GLU A 102 -5.61 8.87 8.96
CA GLU A 102 -5.69 8.16 7.69
C GLU A 102 -4.84 8.84 6.61
N GLU A 103 -4.80 10.17 6.63
CA GLU A 103 -3.99 10.89 5.66
C GLU A 103 -2.56 10.42 5.82
N MET A 104 -2.09 10.48 7.06
CA MET A 104 -0.73 10.07 7.42
C MET A 104 -0.44 8.62 7.13
N ARG A 105 -1.43 7.76 7.34
CA ARG A 105 -1.27 6.35 7.09
C ARG A 105 -0.96 6.12 5.60
N LEU A 106 -1.77 6.68 4.71
CA LEU A 106 -1.55 6.50 3.28
C LEU A 106 -0.14 6.89 2.88
N LEU A 107 0.41 7.91 3.54
CA LEU A 107 1.76 8.36 3.24
C LEU A 107 2.78 7.37 3.80
N SER A 108 2.63 7.05 5.07
CA SER A 108 3.56 6.14 5.73
C SER A 108 3.55 4.81 5.01
N GLU A 109 2.38 4.40 4.55
CA GLU A 109 2.28 3.15 3.85
C GLU A 109 3.00 3.24 2.51
N GLU A 110 2.92 4.40 1.87
CA GLU A 110 3.63 4.56 0.60
C GLU A 110 5.12 4.46 0.84
N LEU A 111 5.61 5.13 1.88
CA LEU A 111 7.03 5.09 2.22
C LEU A 111 7.53 3.69 2.58
N GLU A 112 6.70 2.92 3.29
CA GLU A 112 7.08 1.56 3.67
C GLU A 112 7.23 0.74 2.39
N GLN A 113 6.30 0.93 1.45
CA GLN A 113 6.37 0.18 0.21
C GLN A 113 7.52 0.69 -0.65
N LEU A 114 7.79 1.99 -0.59
CA LEU A 114 8.88 2.50 -1.40
C LEU A 114 10.23 2.00 -0.89
N THR A 115 10.36 1.77 0.41
CA THR A 115 11.61 1.26 0.94
C THR A 115 11.69 -0.25 0.72
N ARG A 116 10.55 -0.92 0.77
CA ARG A 116 10.54 -2.35 0.52
C ARG A 116 10.99 -2.52 -0.93
N THR A 117 10.33 -1.79 -1.83
CA THR A 117 10.65 -1.84 -3.24
C THR A 117 12.16 -1.73 -3.47
N GLN A 118 12.85 -0.91 -2.69
CA GLN A 118 14.29 -0.75 -2.88
C GLN A 118 15.06 -1.96 -2.38
N VAL A 119 14.63 -2.54 -1.26
CA VAL A 119 15.33 -3.70 -0.71
C VAL A 119 15.27 -4.75 -1.80
N GLN A 120 14.07 -4.89 -2.37
CA GLN A 120 13.76 -5.82 -3.45
C GLN A 120 14.77 -5.69 -4.59
N ASN A 121 14.87 -4.47 -5.14
CA ASN A 121 15.78 -4.20 -6.25
C ASN A 121 17.23 -4.59 -5.91
N THR A 122 17.69 -4.24 -4.72
CA THR A 122 19.07 -4.55 -4.38
C THR A 122 19.39 -6.03 -4.53
N SER A 123 18.44 -6.89 -4.17
CA SER A 123 18.64 -8.32 -4.30
C SER A 123 18.83 -8.71 -5.76
N THR A 124 17.83 -8.37 -6.57
CA THR A 124 17.86 -8.68 -7.98
C THR A 124 19.21 -8.26 -8.54
N ILE A 125 19.58 -7.00 -8.31
CA ILE A 125 20.85 -6.53 -8.82
C ILE A 125 22.07 -7.33 -8.30
N ALA A 126 22.06 -7.70 -7.01
CA ALA A 126 23.16 -8.49 -6.49
C ALA A 126 23.25 -9.76 -7.34
N VAL A 127 22.11 -10.42 -7.56
CA VAL A 127 22.09 -11.63 -8.36
C VAL A 127 22.57 -11.35 -9.80
N ALA A 128 22.11 -10.24 -10.37
CA ALA A 128 22.53 -9.87 -11.71
C ALA A 128 24.03 -9.63 -11.67
N ASN A 129 24.48 -8.96 -10.61
CA ASN A 129 25.89 -8.65 -10.46
C ASN A 129 26.76 -9.87 -10.31
N VAL A 130 26.25 -10.89 -9.64
CA VAL A 130 27.02 -12.11 -9.48
C VAL A 130 27.03 -12.84 -10.82
N THR A 131 25.90 -12.86 -11.52
CA THR A 131 25.84 -13.56 -12.80
C THR A 131 26.92 -13.02 -13.70
N HIS A 132 27.09 -11.70 -13.68
CA HIS A 132 28.09 -11.08 -14.50
C HIS A 132 29.48 -11.63 -14.23
N ILE A 133 29.78 -11.85 -12.96
CA ILE A 133 31.09 -12.37 -12.60
C ILE A 133 31.37 -13.71 -13.27
N TYR A 134 30.35 -14.54 -13.45
CA TYR A 134 30.55 -15.81 -14.13
C TYR A 134 31.18 -15.60 -15.50
N ASP A 135 30.74 -14.56 -16.20
CA ASP A 135 31.27 -14.26 -17.53
C ASP A 135 32.70 -13.81 -17.39
N LEU A 136 32.90 -12.80 -16.55
CA LEU A 136 34.25 -12.31 -16.35
C LEU A 136 35.18 -13.47 -16.03
N LEU A 137 34.72 -14.38 -15.18
CA LEU A 137 35.54 -15.54 -14.79
C LEU A 137 35.86 -16.42 -15.98
N GLU A 138 34.87 -16.65 -16.84
CA GLU A 138 35.04 -17.48 -18.02
C GLU A 138 36.18 -16.94 -18.87
N ALA A 139 36.03 -15.70 -19.32
CA ALA A 139 37.03 -15.04 -20.16
C ALA A 139 38.38 -14.83 -19.45
N ASN A 140 38.55 -15.46 -18.29
CA ASN A 140 39.77 -15.34 -17.51
C ASN A 140 40.25 -13.90 -17.33
N LYS A 141 39.31 -12.96 -17.26
CA LYS A 141 39.61 -11.55 -17.05
C LYS A 141 39.73 -11.34 -15.53
N LYS A 142 40.62 -12.15 -14.93
CA LYS A 142 40.90 -12.20 -13.51
C LYS A 142 40.98 -10.87 -12.73
N ASP A 143 41.35 -9.78 -13.39
CA ASP A 143 41.41 -8.50 -12.70
C ASP A 143 40.00 -8.02 -12.45
N GLN A 144 39.23 -7.87 -13.52
CA GLN A 144 37.85 -7.42 -13.46
C GLN A 144 37.02 -8.25 -12.48
N VAL A 145 37.43 -9.49 -12.26
CA VAL A 145 36.75 -10.38 -11.32
C VAL A 145 36.98 -9.87 -9.92
N TYR A 146 38.27 -9.69 -9.58
CA TYR A 146 38.65 -9.16 -8.27
C TYR A 146 37.88 -7.87 -8.03
N GLN A 147 37.89 -7.00 -9.02
CA GLN A 147 37.22 -5.72 -8.93
C GLN A 147 35.72 -5.90 -8.68
N ALA A 148 35.11 -6.88 -9.38
CA ALA A 148 33.70 -7.18 -9.24
C ALA A 148 33.36 -7.66 -7.84
N LEU A 149 34.19 -8.56 -7.30
CA LEU A 149 33.99 -9.07 -5.95
C LEU A 149 34.10 -7.91 -4.97
N ASP A 150 34.99 -6.98 -5.26
CA ASP A 150 35.15 -5.82 -4.38
C ASP A 150 33.84 -5.09 -4.29
N ALA A 151 33.28 -4.74 -5.45
CA ALA A 151 32.02 -4.01 -5.54
C ALA A 151 30.88 -4.77 -4.87
N LEU A 152 30.86 -6.09 -5.05
CA LEU A 152 29.84 -6.94 -4.46
C LEU A 152 29.75 -6.68 -2.97
N VAL A 153 30.90 -6.46 -2.34
CA VAL A 153 30.98 -6.22 -0.91
C VAL A 153 30.88 -4.76 -0.52
N GLU A 154 31.75 -3.94 -1.10
CA GLU A 154 31.79 -2.52 -0.80
C GLU A 154 30.52 -1.76 -1.21
N VAL A 155 29.75 -2.35 -2.10
CA VAL A 155 28.55 -1.70 -2.59
C VAL A 155 27.23 -2.46 -2.39
N ASP A 156 27.11 -3.67 -2.91
CA ASP A 156 25.86 -4.43 -2.78
C ASP A 156 25.53 -4.93 -1.40
N LEU A 157 26.43 -5.73 -0.83
CA LEU A 157 26.23 -6.30 0.48
C LEU A 157 26.07 -5.21 1.52
N ASP A 158 26.70 -4.08 1.26
CA ASP A 158 26.67 -2.94 2.17
C ASP A 158 25.37 -2.20 2.02
N LEU A 159 24.86 -2.13 0.81
CA LEU A 159 23.61 -1.42 0.53
C LEU A 159 22.44 -2.25 1.05
N THR A 160 22.51 -3.57 0.81
CA THR A 160 21.48 -4.48 1.26
C THR A 160 21.17 -4.30 2.74
N GLU A 161 22.19 -3.93 3.52
CA GLU A 161 22.02 -3.74 4.96
C GLU A 161 21.46 -2.39 5.26
N ARG A 162 22.07 -1.38 4.66
CA ARG A 162 21.63 -0.02 4.86
C ARG A 162 20.12 0.07 4.53
N LEU A 163 19.69 -0.50 3.41
CA LEU A 163 18.28 -0.47 3.00
C LEU A 163 17.38 -1.30 3.91
N HIS A 164 17.84 -2.44 4.38
CA HIS A 164 17.01 -3.23 5.29
C HIS A 164 16.75 -2.33 6.50
N GLU A 165 17.81 -1.73 7.04
CA GLU A 165 17.70 -0.84 8.20
C GLU A 165 16.69 0.29 7.97
N LEU A 166 16.77 0.93 6.80
CA LEU A 166 15.89 2.01 6.44
C LEU A 166 14.44 1.54 6.37
N HIS A 167 14.22 0.38 5.74
CA HIS A 167 12.89 -0.19 5.61
C HIS A 167 12.34 -0.58 6.97
N LEU A 168 13.24 -0.87 7.90
CA LEU A 168 12.82 -1.27 9.23
C LEU A 168 12.19 -0.06 9.95
N LEU A 169 12.79 1.11 9.76
CA LEU A 169 12.31 2.37 10.37
C LEU A 169 10.98 2.77 9.79
N ALA A 170 10.89 2.71 8.47
CA ALA A 170 9.67 3.07 7.77
C ALA A 170 8.56 2.16 8.25
N PHE A 171 8.93 0.95 8.62
CA PHE A 171 7.98 -0.04 9.09
C PHE A 171 7.53 0.34 10.48
N LYS A 172 8.48 0.75 11.31
CA LYS A 172 8.15 1.15 12.66
C LYS A 172 7.26 2.39 12.59
N MET A 173 7.71 3.38 11.83
CA MET A 173 6.97 4.62 11.67
C MET A 173 5.52 4.40 11.23
N LEU A 174 5.27 3.33 10.49
CA LEU A 174 3.92 3.04 10.03
C LEU A 174 3.14 2.47 11.19
N ASN A 175 3.72 1.49 11.88
CA ASN A 175 3.08 0.86 13.01
C ASN A 175 2.62 1.89 14.02
N GLN A 176 3.38 2.97 14.15
CA GLN A 176 3.05 4.03 15.08
C GLN A 176 1.76 4.73 14.61
N ILE A 177 1.73 5.15 13.35
CA ILE A 177 0.55 5.80 12.81
C ILE A 177 -0.70 4.92 12.90
N GLU A 178 -0.54 3.61 12.89
CA GLU A 178 -1.68 2.70 12.97
C GLU A 178 -2.24 2.66 14.39
N GLU A 179 -1.37 2.85 15.37
CA GLU A 179 -1.79 2.81 16.76
C GLU A 179 -2.32 4.18 17.20
N ALA A 180 -1.84 5.22 16.54
CA ALA A 180 -2.23 6.59 16.89
C ALA A 180 -3.73 6.91 16.80
N ARG A 181 -4.41 6.36 15.81
CA ARG A 181 -5.82 6.66 15.66
C ARG A 181 -6.73 6.20 16.79
N THR A 182 -6.32 5.20 17.57
CA THR A 182 -7.14 4.76 18.68
C THR A 182 -6.44 4.99 20.01
N LEU A 183 -5.52 5.94 20.03
CA LEU A 183 -4.78 6.27 21.25
C LEU A 183 -5.61 7.14 22.19
N THR A 184 -5.95 6.58 23.34
CA THR A 184 -6.72 7.31 24.35
C THR A 184 -5.80 7.67 25.52
N ASN A 185 -4.89 6.76 25.86
CA ASN A 185 -3.94 6.96 26.96
C ASN A 185 -2.96 8.10 26.71
N VAL A 186 -2.98 9.09 27.58
CA VAL A 186 -2.12 10.26 27.46
C VAL A 186 -0.61 9.96 27.46
N ASP A 187 -0.16 9.10 28.36
CA ASP A 187 1.27 8.79 28.41
C ASP A 187 1.78 8.15 27.13
N ARG A 188 0.99 7.27 26.56
CA ARG A 188 1.38 6.61 25.33
C ARG A 188 1.42 7.64 24.19
N ILE A 189 0.46 8.57 24.19
CA ILE A 189 0.41 9.61 23.16
C ILE A 189 1.67 10.44 23.26
N GLN A 190 2.12 10.64 24.50
CA GLN A 190 3.34 11.40 24.79
C GLN A 190 4.54 10.70 24.16
N GLN A 191 4.64 9.41 24.49
CA GLN A 191 5.69 8.52 24.06
C GLN A 191 5.78 8.40 22.53
N ILE A 192 4.70 7.96 21.92
CA ILE A 192 4.65 7.80 20.46
C ILE A 192 4.98 9.11 19.76
N GLN A 193 4.46 10.22 20.28
CA GLN A 193 4.71 11.51 19.66
C GLN A 193 6.19 11.84 19.53
N THR A 194 6.94 11.75 20.61
CA THR A 194 8.38 12.04 20.56
C THR A 194 9.15 10.92 19.87
N ALA A 195 8.61 9.71 19.90
CA ALA A 195 9.24 8.57 19.24
C ALA A 195 9.12 8.81 17.74
N PHE A 196 7.94 9.22 17.33
CA PHE A 196 7.66 9.48 15.93
C PHE A 196 8.52 10.65 15.47
N GLU A 197 8.67 11.63 16.35
CA GLU A 197 9.46 12.79 16.01
C GLU A 197 10.93 12.46 15.88
N ASN A 198 11.44 11.61 16.75
CA ASN A 198 12.85 11.23 16.70
C ASN A 198 13.11 10.33 15.51
N ASN A 199 12.26 9.33 15.34
CA ASN A 199 12.43 8.41 14.23
C ASN A 199 12.47 9.23 12.94
N LEU A 200 11.42 10.02 12.73
CA LEU A 200 11.29 10.86 11.54
C LEU A 200 12.57 11.59 11.20
N LYS A 201 13.25 12.07 12.24
CA LYS A 201 14.48 12.83 12.10
C LYS A 201 15.65 12.02 11.57
N ILE A 202 15.89 10.85 12.15
CA ILE A 202 17.01 10.03 11.69
C ILE A 202 16.66 9.50 10.31
N MET A 203 15.41 9.15 10.12
CA MET A 203 14.94 8.65 8.84
C MET A 203 15.27 9.70 7.78
N LYS A 204 14.89 10.94 8.06
CA LYS A 204 15.12 12.06 7.15
C LYS A 204 16.58 12.22 6.76
N ARG A 205 17.45 11.81 7.67
CA ARG A 205 18.88 11.92 7.47
C ARG A 205 19.42 10.70 6.72
N ARG A 206 18.98 9.51 7.10
CA ARG A 206 19.45 8.30 6.44
C ARG A 206 19.17 8.37 4.94
N VAL A 207 17.98 8.82 4.56
CA VAL A 207 17.63 8.90 3.14
C VAL A 207 18.48 9.86 2.33
N LEU A 208 18.77 11.03 2.88
CA LEU A 208 19.58 12.05 2.19
C LEU A 208 20.95 11.54 1.79
N ALA A 209 21.49 10.62 2.57
CA ALA A 209 22.80 10.05 2.30
C ALA A 209 22.77 8.95 1.22
N VAL A 210 21.63 8.28 1.07
CA VAL A 210 21.48 7.22 0.07
C VAL A 210 21.64 7.77 -1.36
N GLU A 211 22.74 7.40 -2.01
CA GLU A 211 23.04 7.83 -3.37
C GLU A 211 22.06 7.25 -4.38
N ASP A 212 20.92 7.91 -4.57
CA ASP A 212 19.91 7.45 -5.53
C ASP A 212 18.90 8.58 -5.77
N PRO A 213 19.20 9.44 -6.76
CA PRO A 213 18.41 10.59 -7.19
C PRO A 213 16.89 10.55 -6.96
N THR A 214 16.13 10.17 -7.98
CA THR A 214 14.67 10.11 -7.88
C THR A 214 14.13 9.57 -6.55
N ARG A 215 14.74 8.49 -6.08
CA ARG A 215 14.33 7.85 -4.83
C ARG A 215 14.51 8.72 -3.58
N SER A 216 15.66 9.36 -3.43
CA SER A 216 15.90 10.22 -2.26
C SER A 216 14.92 11.38 -2.21
N LYS A 217 14.65 12.00 -3.35
CA LYS A 217 13.69 13.09 -3.40
C LYS A 217 12.32 12.54 -2.98
N GLN A 218 11.88 11.49 -3.65
CA GLN A 218 10.60 10.83 -3.35
C GLN A 218 10.40 10.66 -1.87
N MET A 219 11.39 10.08 -1.22
CA MET A 219 11.33 9.83 0.20
C MET A 219 11.42 11.11 1.02
N SER A 220 12.39 11.98 0.71
CA SER A 220 12.52 13.23 1.45
C SER A 220 11.20 14.00 1.41
N GLN A 221 10.50 13.90 0.29
CA GLN A 221 9.21 14.55 0.14
C GLN A 221 8.26 13.88 1.14
N LEU A 222 7.98 12.59 0.92
CA LEU A 222 7.10 11.82 1.81
C LEU A 222 7.40 12.13 3.29
N LEU A 223 8.68 12.20 3.64
CA LEU A 223 9.09 12.48 5.01
C LEU A 223 8.70 13.89 5.46
N THR A 224 9.03 14.90 4.67
CA THR A 224 8.67 16.28 5.05
C THR A 224 7.15 16.39 5.13
N GLU A 225 6.44 15.68 4.26
CA GLU A 225 4.99 15.72 4.28
C GLU A 225 4.46 15.11 5.57
N LEU A 226 4.98 13.94 5.96
CA LEU A 226 4.55 13.32 7.19
C LEU A 226 4.91 14.23 8.35
N GLY A 227 6.13 14.78 8.31
CA GLY A 227 6.60 15.68 9.35
C GLY A 227 5.59 16.77 9.65
N LYS A 228 4.93 17.26 8.61
CA LYS A 228 3.93 18.30 8.76
C LYS A 228 2.68 17.80 9.50
N ARG A 229 2.11 16.67 9.08
CA ARG A 229 0.91 16.15 9.74
C ARG A 229 1.24 15.60 11.14
N GLN A 230 2.44 15.92 11.62
CA GLN A 230 2.89 15.48 12.93
C GLN A 230 2.03 16.06 14.05
N VAL A 231 1.41 17.21 13.78
CA VAL A 231 0.55 17.87 14.76
C VAL A 231 -0.62 16.99 15.21
N VAL A 232 -0.97 15.99 14.41
CA VAL A 232 -2.07 15.10 14.75
C VAL A 232 -1.92 14.62 16.21
N PHE A 233 -0.69 14.65 16.71
CA PHE A 233 -0.43 14.22 18.07
C PHE A 233 -0.93 15.24 19.09
N THR A 234 -0.73 16.52 18.79
CA THR A 234 -1.20 17.59 19.66
C THR A 234 -2.71 17.45 19.80
N ILE A 235 -3.37 17.38 18.65
CA ILE A 235 -4.82 17.25 18.65
C ILE A 235 -5.26 15.91 19.25
N LEU A 236 -4.33 14.97 19.36
CA LEU A 236 -4.63 13.67 19.95
C LEU A 236 -4.69 13.88 21.46
N LEU A 237 -3.93 14.89 21.93
CA LEU A 237 -3.90 15.25 23.35
C LEU A 237 -5.19 15.99 23.68
N GLN A 238 -5.50 17.02 22.88
CA GLN A 238 -6.71 17.79 23.09
C GLN A 238 -7.89 16.85 23.27
N GLN A 239 -7.88 15.76 22.50
CA GLN A 239 -8.93 14.74 22.61
C GLN A 239 -9.02 14.35 24.08
N TYR A 240 -7.89 13.87 24.61
CA TYR A 240 -7.79 13.46 26.00
C TYR A 240 -8.09 14.60 26.96
N GLU A 241 -7.44 15.72 26.73
CA GLU A 241 -7.60 16.92 27.53
C GLU A 241 -9.07 17.31 27.65
N ASN A 242 -9.80 17.16 26.55
CA ASN A 242 -11.21 17.49 26.47
C ASN A 242 -12.07 16.45 27.17
N ASN A 243 -11.74 15.18 27.04
CA ASN A 243 -12.53 14.16 27.70
C ASN A 243 -12.34 14.29 29.20
N GLU A 244 -11.20 14.86 29.60
CA GLU A 244 -10.92 15.07 31.01
C GLU A 244 -11.90 16.11 31.52
N GLN A 245 -11.99 17.21 30.77
CA GLN A 245 -12.89 18.33 31.05
C GLN A 245 -14.28 17.73 31.22
N SER A 246 -14.78 17.15 30.13
CA SER A 246 -16.09 16.52 30.11
C SER A 246 -16.41 15.72 31.34
N GLN A 247 -15.40 15.19 32.01
CA GLN A 247 -15.68 14.41 33.20
C GLN A 247 -15.75 15.28 34.44
N GLN A 248 -14.89 16.30 34.52
CA GLN A 248 -14.91 17.21 35.65
C GLN A 248 -16.23 17.96 35.66
N LEU A 249 -16.66 18.39 34.48
CA LEU A 249 -17.91 19.12 34.35
C LEU A 249 -19.07 18.30 34.92
N MET A 250 -19.09 17.01 34.59
CA MET A 250 -20.14 16.11 35.07
C MET A 250 -20.17 16.09 36.60
N GLN A 251 -18.99 16.01 37.20
CA GLN A 251 -18.86 15.97 38.66
C GLN A 251 -19.30 17.31 39.24
N LYS A 252 -19.16 18.36 38.43
CA LYS A 252 -19.54 19.70 38.83
C LYS A 252 -21.07 19.76 38.83
N THR A 253 -21.68 19.21 37.78
CA THR A 253 -23.13 19.20 37.68
C THR A 253 -23.76 18.72 38.98
N LEU A 254 -23.19 17.68 39.58
CA LEU A 254 -23.75 17.14 40.81
C LEU A 254 -23.66 18.14 41.95
N GLU A 255 -22.50 18.76 42.12
CA GLU A 255 -22.35 19.74 43.19
C GLU A 255 -23.31 20.91 43.01
N LEU A 256 -23.53 21.31 41.76
CA LEU A 256 -24.41 22.43 41.48
C LEU A 256 -25.86 22.10 41.74
N PHE A 257 -26.28 20.89 41.37
CA PHE A 257 -27.67 20.50 41.61
C PHE A 257 -27.90 20.30 43.09
N SER A 258 -26.85 19.84 43.77
CA SER A 258 -26.94 19.63 45.21
C SER A 258 -27.11 21.02 45.82
N GLU A 259 -26.23 21.94 45.45
CA GLU A 259 -26.27 23.31 45.95
C GLU A 259 -27.61 23.98 45.64
N LEU A 260 -28.13 23.74 44.43
CA LEU A 260 -29.42 24.33 44.02
C LEU A 260 -30.52 23.91 44.97
N ASN A 261 -30.65 22.62 45.22
CA ASN A 261 -31.69 22.13 46.12
C ASN A 261 -31.42 22.50 47.58
N SER A 262 -30.16 22.46 47.98
CA SER A 262 -29.81 22.84 49.35
C SER A 262 -30.31 24.27 49.57
N THR A 263 -30.77 24.89 48.48
CA THR A 263 -31.28 26.25 48.53
C THR A 263 -32.78 26.27 48.26
N VAL A 264 -33.28 25.36 47.42
CA VAL A 264 -34.71 25.33 47.16
C VAL A 264 -35.39 24.88 48.45
N ASN A 265 -34.64 24.17 49.29
CA ASN A 265 -35.16 23.68 50.56
C ASN A 265 -35.21 24.86 51.54
N LYS A 266 -34.06 25.50 51.80
CA LYS A 266 -34.03 26.65 52.70
C LYS A 266 -35.10 27.65 52.29
N LEU A 267 -35.56 27.51 51.05
CA LEU A 267 -36.57 28.39 50.50
C LEU A 267 -37.97 27.86 50.76
N VAL A 268 -38.14 26.53 50.76
CA VAL A 268 -39.46 25.94 51.01
C VAL A 268 -39.95 26.36 52.40
N ASP A 269 -39.02 26.89 53.20
CA ASP A 269 -39.39 27.40 54.52
C ASP A 269 -39.71 28.85 54.19
N ASP A 270 -39.69 29.76 55.15
CA ASP A 270 -40.01 31.15 54.84
C ASP A 270 -41.45 31.30 54.35
N SER A 271 -42.01 30.20 53.84
CA SER A 271 -43.39 30.19 53.39
C SER A 271 -44.10 29.49 54.55
N ASN A 272 -43.32 29.19 55.59
CA ASN A 272 -43.78 28.57 56.84
C ASN A 272 -43.63 29.61 57.95
N LYS A 273 -43.58 30.88 57.55
CA LYS A 273 -43.44 31.99 58.50
C LYS A 273 -44.55 33.02 58.26
N ASP B 5 11.36 18.69 -26.47
CA ASP B 5 11.23 17.20 -26.48
C ASP B 5 9.90 16.74 -25.92
N GLU B 6 9.32 15.74 -26.59
CA GLU B 6 8.03 15.21 -26.20
C GLU B 6 8.13 14.59 -24.82
N LYS B 7 7.08 14.76 -24.03
CA LYS B 7 7.06 14.21 -22.69
C LYS B 7 6.22 12.94 -22.62
N ILE B 8 6.89 11.85 -22.29
CA ILE B 8 6.24 10.54 -22.18
C ILE B 8 6.33 10.10 -20.71
N CYS B 9 5.17 9.82 -20.13
CA CYS B 9 5.08 9.43 -18.73
C CYS B 9 4.63 7.99 -18.63
N ALA B 10 5.55 7.10 -18.27
CA ALA B 10 5.24 5.67 -18.13
C ALA B 10 4.71 5.37 -16.73
N ILE B 11 3.89 4.33 -16.59
CA ILE B 11 3.32 3.97 -15.30
C ILE B 11 3.24 2.46 -15.12
N TYR B 12 3.99 1.93 -14.15
CA TYR B 12 4.03 0.50 -13.89
C TYR B 12 3.16 0.09 -12.70
N PRO B 13 2.88 -1.21 -12.57
CA PRO B 13 2.08 -1.70 -11.45
C PRO B 13 2.99 -1.59 -10.23
N HIS B 14 4.28 -1.85 -10.47
CA HIS B 14 5.33 -1.79 -9.45
C HIS B 14 6.67 -1.86 -10.17
N LEU B 15 7.76 -1.89 -9.40
CA LEU B 15 9.08 -2.00 -9.98
C LEU B 15 9.99 -2.72 -8.97
N LYS B 16 9.50 -3.86 -8.47
CA LYS B 16 10.23 -4.63 -7.48
C LYS B 16 10.76 -5.99 -7.90
N ASP B 17 10.64 -6.34 -9.18
CA ASP B 17 11.14 -7.63 -9.63
C ASP B 17 12.02 -7.56 -10.88
N SER B 18 12.67 -8.68 -11.18
CA SER B 18 13.55 -8.79 -12.33
C SER B 18 12.83 -8.30 -13.60
N TYR B 19 11.57 -8.75 -13.76
CA TYR B 19 10.72 -8.41 -14.90
C TYR B 19 10.62 -6.91 -15.18
N TRP B 20 9.84 -6.21 -14.37
CA TRP B 20 9.66 -4.78 -14.56
C TRP B 20 10.93 -3.96 -14.43
N LEU B 21 11.94 -4.46 -13.73
CA LEU B 21 13.19 -3.74 -13.64
C LEU B 21 13.73 -3.76 -15.08
N SER B 22 13.55 -4.90 -15.74
CA SER B 22 13.99 -5.10 -17.12
C SER B 22 13.16 -4.29 -18.12
N VAL B 23 11.84 -4.26 -17.92
CA VAL B 23 10.99 -3.46 -18.79
C VAL B 23 11.46 -2.02 -18.65
N ASN B 24 11.65 -1.58 -17.40
CA ASN B 24 12.10 -0.24 -17.09
C ASN B 24 13.37 0.11 -17.87
N TYR B 25 14.34 -0.78 -17.81
CA TYR B 25 15.60 -0.53 -18.50
C TYR B 25 15.40 -0.21 -19.96
N GLY B 26 14.53 -0.99 -20.62
CA GLY B 26 14.30 -0.78 -22.04
C GLY B 26 13.55 0.52 -22.27
N MET B 27 12.56 0.78 -21.43
CA MET B 27 11.81 1.99 -21.58
C MET B 27 12.75 3.19 -21.40
N VAL B 28 13.64 3.13 -20.42
CA VAL B 28 14.58 4.22 -20.15
C VAL B 28 15.62 4.31 -21.25
N SER B 29 16.10 3.17 -21.69
CA SER B 29 17.12 3.12 -22.73
C SER B 29 16.59 3.70 -24.05
N GLU B 30 15.49 3.15 -24.55
CA GLU B 30 14.90 3.64 -25.80
C GLU B 30 14.54 5.11 -25.64
N ALA B 31 13.94 5.45 -24.52
CA ALA B 31 13.55 6.83 -24.26
C ALA B 31 14.73 7.77 -24.46
N GLU B 32 15.93 7.26 -24.31
CA GLU B 32 17.10 8.09 -24.48
C GLU B 32 17.40 8.15 -25.98
N LYS B 33 17.61 6.98 -26.59
CA LYS B 33 17.89 6.84 -28.02
C LYS B 33 16.83 7.54 -28.87
N GLN B 34 15.57 7.38 -28.46
CA GLN B 34 14.44 7.97 -29.15
C GLN B 34 14.43 9.49 -28.99
N GLY B 35 15.24 9.99 -28.06
CA GLY B 35 15.31 11.43 -27.84
C GLY B 35 14.05 12.09 -27.29
N VAL B 36 13.42 11.45 -26.31
CA VAL B 36 12.21 12.01 -25.71
C VAL B 36 12.44 12.19 -24.21
N ASN B 37 11.62 13.03 -23.57
CA ASN B 37 11.76 13.26 -22.14
C ASN B 37 10.89 12.30 -21.33
N LEU B 38 11.54 11.30 -20.73
CA LEU B 38 10.82 10.29 -19.97
C LEU B 38 10.66 10.60 -18.49
N ARG B 39 9.60 10.03 -17.92
CA ARG B 39 9.28 10.18 -16.51
C ARG B 39 8.49 8.93 -16.14
N VAL B 40 9.05 8.05 -15.31
CA VAL B 40 8.34 6.82 -14.95
C VAL B 40 7.79 6.82 -13.53
N LEU B 41 6.63 6.21 -13.35
CA LEU B 41 5.99 6.14 -12.05
C LEU B 41 5.53 4.72 -11.79
N GLU B 42 5.74 4.25 -10.56
CA GLU B 42 5.36 2.91 -10.17
C GLU B 42 4.36 2.90 -9.03
N ALA B 43 3.26 2.17 -9.21
CA ALA B 43 2.26 2.06 -8.15
C ALA B 43 2.91 1.32 -6.98
N GLY B 44 2.22 1.21 -5.86
CA GLY B 44 2.85 0.50 -4.76
C GLY B 44 3.09 -0.97 -5.09
N GLY B 45 2.18 -1.54 -5.87
CA GLY B 45 2.23 -2.94 -6.25
C GLY B 45 0.87 -3.21 -6.89
N TYR B 46 0.64 -4.41 -7.40
CA TYR B 46 -0.64 -4.70 -8.05
C TYR B 46 -1.93 -4.40 -7.29
N PRO B 47 -1.90 -4.51 -5.95
CA PRO B 47 -3.15 -4.21 -5.26
C PRO B 47 -3.44 -2.71 -5.06
N ASN B 48 -2.49 -1.86 -5.44
CA ASN B 48 -2.62 -0.40 -5.28
C ASN B 48 -3.40 0.38 -6.35
N LYS B 49 -4.66 0.00 -6.58
CA LYS B 49 -5.52 0.64 -7.58
C LYS B 49 -5.59 2.18 -7.45
N SER B 50 -5.96 2.64 -6.27
CA SER B 50 -6.08 4.06 -6.01
C SER B 50 -4.80 4.80 -6.40
N ARG B 51 -3.68 4.33 -5.88
CA ARG B 51 -2.39 4.95 -6.15
C ARG B 51 -2.15 5.17 -7.64
N GLN B 52 -2.42 4.14 -8.45
CA GLN B 52 -2.19 4.26 -9.88
C GLN B 52 -3.12 5.28 -10.53
N GLU B 53 -4.35 5.36 -10.01
CA GLU B 53 -5.31 6.31 -10.56
C GLU B 53 -4.75 7.71 -10.39
N GLN B 54 -4.23 8.01 -9.21
CA GLN B 54 -3.68 9.33 -8.96
C GLN B 54 -2.42 9.56 -9.76
N GLN B 55 -1.66 8.51 -10.03
CA GLN B 55 -0.43 8.65 -10.80
C GLN B 55 -0.78 8.98 -12.24
N LEU B 56 -1.87 8.41 -12.71
CA LEU B 56 -2.32 8.64 -14.07
C LEU B 56 -2.66 10.13 -14.14
N ALA B 57 -3.39 10.60 -13.15
CA ALA B 57 -3.78 11.99 -13.05
C ALA B 57 -2.54 12.90 -12.89
N LEU B 58 -1.55 12.41 -12.16
CA LEU B 58 -0.33 13.17 -11.93
C LEU B 58 0.45 13.31 -13.24
N CYS B 59 0.42 12.26 -14.06
CA CYS B 59 1.10 12.27 -15.36
C CYS B 59 0.53 13.38 -16.23
N THR B 60 -0.79 13.53 -16.16
CA THR B 60 -1.49 14.55 -16.95
C THR B 60 -1.10 15.95 -16.47
N GLN B 61 -1.17 16.18 -15.16
CA GLN B 61 -0.80 17.47 -14.59
C GLN B 61 0.62 17.86 -14.96
N TRP B 62 1.45 16.84 -15.15
CA TRP B 62 2.85 17.04 -15.52
C TRP B 62 2.88 17.52 -16.95
N GLY B 63 1.78 17.27 -17.66
CA GLY B 63 1.66 17.67 -19.05
C GLY B 63 2.21 16.62 -20.00
N ALA B 64 1.92 15.35 -19.71
CA ALA B 64 2.42 14.29 -20.57
C ALA B 64 1.83 14.42 -21.96
N ASN B 65 2.69 14.36 -22.98
CA ASN B 65 2.24 14.42 -24.36
C ASN B 65 1.68 13.02 -24.72
N ALA B 66 2.23 12.00 -24.05
CA ALA B 66 1.81 10.61 -24.24
C ALA B 66 2.04 9.82 -22.95
N ILE B 67 1.13 8.90 -22.67
CA ILE B 67 1.21 8.08 -21.45
C ILE B 67 1.26 6.57 -21.72
N ILE B 68 2.33 5.92 -21.30
CA ILE B 68 2.43 4.48 -21.44
C ILE B 68 1.90 3.93 -20.11
N LEU B 69 1.04 2.92 -20.15
CA LEU B 69 0.45 2.40 -18.92
C LEU B 69 0.41 0.88 -18.74
N GLY B 70 0.97 0.43 -17.62
CA GLY B 70 0.97 -0.98 -17.29
C GLY B 70 -0.09 -1.17 -16.22
N THR B 71 -1.31 -1.50 -16.65
CA THR B 71 -2.44 -1.66 -15.73
C THR B 71 -2.17 -2.52 -14.54
N VAL B 72 -2.79 -2.13 -13.43
CA VAL B 72 -2.66 -2.82 -12.17
C VAL B 72 -3.80 -3.84 -12.07
N ASP B 73 -4.71 -3.75 -13.04
CA ASP B 73 -5.88 -4.62 -13.15
C ASP B 73 -6.50 -4.35 -14.53
N PRO B 74 -6.62 -5.39 -15.37
CA PRO B 74 -7.19 -5.25 -16.71
C PRO B 74 -8.45 -4.40 -16.82
N HIS B 75 -9.50 -4.80 -16.10
CA HIS B 75 -10.78 -4.09 -16.16
C HIS B 75 -10.88 -2.76 -15.43
N ALA B 76 -9.78 -2.31 -14.82
CA ALA B 76 -9.80 -1.01 -14.15
C ALA B 76 -9.75 0.01 -15.29
N TYR B 77 -10.08 1.26 -14.99
CA TYR B 77 -10.08 2.31 -16.03
C TYR B 77 -10.94 2.03 -17.27
N GLU B 78 -11.54 0.84 -17.34
CA GLU B 78 -12.37 0.44 -18.48
C GLU B 78 -13.44 1.46 -18.87
N HIS B 79 -14.02 2.13 -17.87
CA HIS B 79 -15.04 3.14 -18.12
C HIS B 79 -14.67 4.47 -17.48
N ASN B 80 -13.37 4.68 -17.23
CA ASN B 80 -12.92 5.92 -16.57
C ASN B 80 -11.66 6.57 -17.14
N LEU B 81 -10.88 5.81 -17.89
CA LEU B 81 -9.63 6.33 -18.43
C LEU B 81 -9.59 7.83 -18.71
N LYS B 82 -10.60 8.36 -19.41
CA LYS B 82 -10.64 9.79 -19.73
C LYS B 82 -10.76 10.71 -18.51
N SER B 83 -11.42 10.22 -17.46
CA SER B 83 -11.59 10.99 -16.23
C SER B 83 -10.30 11.03 -15.42
N TRP B 84 -9.24 10.41 -15.96
CA TRP B 84 -7.94 10.37 -15.29
C TRP B 84 -6.88 11.04 -16.16
N VAL B 85 -6.82 10.63 -17.43
CA VAL B 85 -5.84 11.20 -18.35
C VAL B 85 -6.42 12.32 -19.20
N GLY B 86 -7.75 12.37 -19.27
CA GLY B 86 -8.40 13.40 -20.07
C GLY B 86 -8.49 13.01 -21.53
N ASN B 87 -7.71 13.68 -22.36
CA ASN B 87 -7.69 13.41 -23.80
C ASN B 87 -6.29 12.98 -24.24
N THR B 88 -5.42 12.67 -23.27
CA THR B 88 -4.05 12.24 -23.57
C THR B 88 -4.00 10.82 -24.14
N PRO B 89 -3.05 10.56 -25.05
CA PRO B 89 -2.86 9.26 -25.70
C PRO B 89 -2.26 8.21 -24.79
N VAL B 90 -2.89 7.04 -24.70
CA VAL B 90 -2.35 5.99 -23.84
C VAL B 90 -1.90 4.76 -24.62
N PHE B 91 -0.75 4.22 -24.23
CA PHE B 91 -0.21 3.04 -24.87
C PHE B 91 -0.06 1.98 -23.79
N ALA B 92 -0.74 0.85 -23.95
CA ALA B 92 -0.66 -0.23 -22.97
C ALA B 92 0.66 -1.00 -23.15
N THR B 93 1.15 -1.56 -22.04
CA THR B 93 2.40 -2.34 -22.01
C THR B 93 2.23 -3.54 -21.12
N VAL B 94 2.95 -4.60 -21.47
CA VAL B 94 2.93 -5.83 -20.70
C VAL B 94 1.52 -6.38 -20.45
N ASN B 95 0.74 -5.65 -19.66
CA ASN B 95 -0.60 -6.10 -19.32
C ASN B 95 -1.72 -5.61 -20.22
N GLN B 96 -2.69 -6.48 -20.44
CA GLN B 96 -3.86 -6.19 -21.25
C GLN B 96 -4.69 -5.13 -20.58
N LEU B 97 -4.90 -4.02 -21.29
CA LEU B 97 -5.71 -2.89 -20.80
C LEU B 97 -6.94 -2.79 -21.67
N ASP B 98 -8.03 -3.45 -21.29
CA ASP B 98 -9.22 -3.34 -22.12
C ASP B 98 -10.17 -2.25 -21.65
N LEU B 99 -10.66 -1.48 -22.62
CA LEU B 99 -11.56 -0.36 -22.37
C LEU B 99 -12.82 -0.46 -23.23
N ASP B 100 -13.89 0.18 -22.77
CA ASP B 100 -15.14 0.17 -23.51
C ASP B 100 -14.93 1.01 -24.76
N GLU B 101 -15.79 0.80 -25.75
CA GLU B 101 -15.75 1.52 -27.02
C GLU B 101 -15.59 3.03 -26.88
N GLU B 102 -16.19 3.60 -25.85
CA GLU B 102 -16.13 5.04 -25.62
C GLU B 102 -14.75 5.46 -25.13
N GLN B 103 -14.14 4.60 -24.32
CA GLN B 103 -12.82 4.87 -23.77
C GLN B 103 -11.68 4.44 -24.69
N SER B 104 -11.97 3.50 -25.59
CA SER B 104 -10.97 2.97 -26.53
C SER B 104 -10.45 4.06 -27.49
N THR B 105 -10.94 5.28 -27.31
CA THR B 105 -10.53 6.41 -28.14
C THR B 105 -9.06 6.74 -27.96
N LEU B 106 -8.58 6.57 -26.73
CA LEU B 106 -7.21 6.89 -26.36
C LEU B 106 -6.11 5.87 -26.71
N LEU B 107 -6.48 4.59 -26.82
CA LEU B 107 -5.55 3.51 -27.14
C LEU B 107 -4.79 3.70 -28.47
N LYS B 108 -3.66 4.38 -28.46
CA LYS B 108 -2.93 4.56 -29.70
C LYS B 108 -1.97 3.39 -29.97
N GLY B 109 -1.80 2.52 -28.99
CA GLY B 109 -0.90 1.38 -29.17
C GLY B 109 -0.91 0.37 -28.03
N GLU B 110 -0.45 -0.85 -28.32
CA GLU B 110 -0.38 -1.90 -27.31
C GLU B 110 0.84 -2.75 -27.56
N VAL B 111 1.58 -3.03 -26.49
CA VAL B 111 2.75 -3.89 -26.57
C VAL B 111 2.50 -4.95 -25.52
N GLY B 112 2.66 -6.22 -25.89
CA GLY B 112 2.43 -7.28 -24.95
C GLY B 112 2.72 -8.64 -25.55
N VAL B 113 2.34 -9.70 -24.86
CA VAL B 113 2.55 -11.06 -25.32
C VAL B 113 1.42 -11.87 -24.74
N ASP B 114 0.96 -12.86 -25.47
CA ASP B 114 -0.12 -13.70 -24.98
C ASP B 114 0.50 -14.72 -24.05
N TRP B 115 0.28 -14.56 -22.75
CA TRP B 115 0.88 -15.50 -21.80
C TRP B 115 0.49 -16.96 -21.91
N TYR B 116 -0.52 -17.23 -22.73
CA TYR B 116 -0.95 -18.60 -22.97
C TYR B 116 0.28 -19.28 -23.60
N TRP B 117 0.91 -18.58 -24.54
CA TRP B 117 2.08 -19.09 -25.25
C TRP B 117 3.31 -19.25 -24.39
N MET B 118 3.36 -18.54 -23.27
CA MET B 118 4.48 -18.65 -22.34
C MET B 118 4.36 -20.00 -21.66
N GLY B 119 3.18 -20.29 -21.14
CA GLY B 119 2.95 -21.56 -20.50
C GLY B 119 3.02 -22.69 -21.50
N TYR B 120 2.55 -22.44 -22.71
CA TYR B 120 2.58 -23.44 -23.76
C TYR B 120 4.01 -23.93 -24.00
N GLU B 121 4.90 -22.95 -24.20
CA GLU B 121 6.30 -23.20 -24.45
C GLU B 121 6.93 -24.08 -23.37
N ALA B 122 6.61 -23.78 -22.11
CA ALA B 122 7.13 -24.56 -20.98
C ALA B 122 6.55 -25.95 -21.08
N GLY B 123 5.26 -25.99 -21.39
CA GLY B 123 4.57 -27.26 -21.54
C GLY B 123 5.24 -28.08 -22.60
N LYS B 124 5.41 -27.49 -23.79
CA LYS B 124 6.03 -28.17 -24.90
C LYS B 124 7.40 -28.76 -24.52
N TYR B 125 8.18 -28.01 -23.75
CA TYR B 125 9.49 -28.51 -23.35
C TYR B 125 9.31 -29.87 -22.66
N LEU B 126 8.46 -29.91 -21.66
CA LEU B 126 8.23 -31.13 -20.93
C LEU B 126 7.65 -32.24 -21.80
N ALA B 127 6.69 -31.87 -22.66
CA ALA B 127 6.07 -32.85 -23.53
C ALA B 127 7.09 -33.59 -24.41
N GLU B 128 7.98 -32.86 -25.07
CA GLU B 128 8.95 -33.52 -25.92
C GLU B 128 9.96 -34.31 -25.10
N ARG B 129 10.06 -33.96 -23.83
CA ARG B 129 11.01 -34.62 -22.95
C ARG B 129 10.41 -35.96 -22.56
N HIS B 130 9.09 -36.02 -22.55
CA HIS B 130 8.38 -37.24 -22.15
C HIS B 130 7.15 -37.46 -23.03
N PRO B 131 7.34 -37.99 -24.25
CA PRO B 131 6.20 -38.23 -25.13
C PRO B 131 5.27 -39.34 -24.63
N LYS B 132 4.13 -39.53 -25.29
CA LYS B 132 3.15 -40.57 -24.92
C LYS B 132 3.76 -41.97 -24.92
N GLY B 133 3.67 -42.66 -23.79
CA GLY B 133 4.18 -44.01 -23.71
C GLY B 133 5.67 -44.17 -23.44
N SER B 134 6.34 -43.08 -23.09
CA SER B 134 7.77 -43.14 -22.80
C SER B 134 7.97 -43.35 -21.30
N GLY B 135 6.88 -43.23 -20.55
CA GLY B 135 6.94 -43.42 -19.11
C GLY B 135 6.31 -42.28 -18.32
N LYS B 136 5.33 -42.62 -17.50
CA LYS B 136 4.61 -41.65 -16.66
C LYS B 136 5.60 -40.76 -15.92
N THR B 137 5.30 -39.47 -15.87
CA THR B 137 6.14 -38.48 -15.20
C THR B 137 5.27 -37.51 -14.38
N ASN B 138 5.69 -37.22 -13.15
CA ASN B 138 4.91 -36.35 -12.25
C ASN B 138 5.36 -34.89 -12.10
N ILE B 139 4.38 -34.00 -12.19
CA ILE B 139 4.59 -32.56 -12.14
C ILE B 139 3.90 -31.85 -10.96
N ALA B 140 4.45 -30.72 -10.53
CA ALA B 140 3.87 -29.90 -9.48
C ALA B 140 3.63 -28.55 -10.14
N LEU B 141 2.57 -27.83 -9.80
CA LEU B 141 2.36 -26.57 -10.47
C LEU B 141 2.26 -25.35 -9.58
N LEU B 142 3.39 -24.66 -9.39
CA LEU B 142 3.43 -23.46 -8.57
C LEU B 142 3.35 -22.26 -9.50
N LEU B 143 2.16 -21.94 -9.97
CA LEU B 143 2.03 -20.82 -10.90
C LEU B 143 1.61 -19.50 -10.29
N GLY B 144 1.44 -19.46 -8.98
CA GLY B 144 1.08 -18.20 -8.36
C GLY B 144 -0.36 -18.00 -7.95
N PRO B 145 -0.87 -16.76 -8.03
CA PRO B 145 -2.23 -16.35 -7.67
C PRO B 145 -3.36 -17.01 -8.47
N ARG B 146 -4.52 -17.12 -7.83
CA ARG B 146 -5.70 -17.72 -8.44
C ARG B 146 -6.48 -16.74 -9.32
N THR B 151 -9.60 -19.86 -14.84
CA THR B 151 -8.80 -19.87 -16.07
C THR B 151 -7.66 -18.86 -16.01
N LYS B 152 -6.50 -19.25 -16.52
CA LYS B 152 -5.33 -18.37 -16.55
C LYS B 152 -4.52 -18.77 -17.77
N PRO B 153 -4.26 -17.80 -18.66
CA PRO B 153 -3.50 -18.08 -19.88
C PRO B 153 -2.33 -19.06 -19.68
N VAL B 154 -1.39 -18.69 -18.81
CA VAL B 154 -0.22 -19.53 -18.55
C VAL B 154 -0.65 -20.98 -18.31
N THR B 155 -1.65 -21.15 -17.45
CA THR B 155 -2.14 -22.47 -17.13
C THR B 155 -2.72 -23.14 -18.37
N THR B 156 -3.73 -22.51 -18.98
CA THR B 156 -4.39 -23.05 -20.17
C THR B 156 -3.39 -23.54 -21.21
N GLY B 157 -2.45 -22.68 -21.58
CA GLY B 157 -1.45 -23.05 -22.58
C GLY B 157 -0.57 -24.21 -22.12
N PHE B 158 -0.25 -24.24 -20.84
CA PHE B 158 0.58 -25.31 -20.33
C PHE B 158 -0.19 -26.61 -20.47
N TYR B 159 -1.48 -26.59 -20.15
CA TYR B 159 -2.31 -27.79 -20.25
C TYR B 159 -2.43 -28.24 -21.70
N GLU B 160 -2.62 -27.29 -22.61
CA GLU B 160 -2.76 -27.66 -24.01
C GLU B 160 -1.53 -28.34 -24.60
N ALA B 161 -0.35 -27.95 -24.13
CA ALA B 161 0.89 -28.53 -24.64
C ALA B 161 1.20 -29.88 -23.98
N ILE B 162 0.51 -30.17 -22.89
CA ILE B 162 0.69 -31.42 -22.15
C ILE B 162 -0.20 -32.49 -22.75
N LYS B 163 -1.40 -32.09 -23.16
CA LYS B 163 -2.38 -32.99 -23.75
C LYS B 163 -1.70 -34.06 -24.61
N ASN B 164 -1.86 -35.33 -24.24
CA ASN B 164 -1.27 -36.43 -24.98
C ASN B 164 0.24 -36.47 -24.80
N SER B 165 0.70 -36.50 -23.55
CA SER B 165 2.13 -36.47 -23.32
C SER B 165 2.74 -37.29 -22.19
N ASP B 166 2.09 -38.34 -21.72
CA ASP B 166 2.71 -39.12 -20.64
C ASP B 166 3.24 -38.29 -19.46
N ILE B 167 2.78 -37.04 -19.33
CA ILE B 167 3.17 -36.16 -18.24
C ILE B 167 1.93 -35.97 -17.37
N HIS B 168 2.07 -36.21 -16.07
CA HIS B 168 0.94 -36.07 -15.17
C HIS B 168 1.10 -34.98 -14.11
N ILE B 169 0.12 -34.08 -14.04
CA ILE B 169 0.14 -32.99 -13.06
C ILE B 169 -0.42 -33.48 -11.72
N VAL B 170 0.42 -34.10 -10.89
CA VAL B 170 0.01 -34.62 -9.59
C VAL B 170 -0.84 -33.69 -8.72
N ASP B 171 -0.31 -32.51 -8.43
CA ASP B 171 -1.06 -31.55 -7.63
C ASP B 171 -0.75 -30.17 -8.17
N SER B 172 -1.49 -29.18 -7.71
CA SER B 172 -1.27 -27.81 -8.15
C SER B 172 -1.49 -26.88 -6.97
N PHE B 173 -0.48 -26.07 -6.65
CA PHE B 173 -0.58 -25.15 -5.54
C PHE B 173 -0.53 -23.69 -5.96
N TRP B 174 -1.39 -22.88 -5.38
CA TRP B 174 -1.44 -21.47 -5.71
C TRP B 174 -1.19 -20.67 -4.44
N ALA B 175 -0.72 -19.44 -4.61
CA ALA B 175 -0.42 -18.55 -3.50
C ALA B 175 0.08 -17.27 -4.13
N ASP B 176 0.08 -16.17 -3.39
CA ASP B 176 0.57 -14.92 -3.97
C ASP B 176 1.94 -15.16 -4.55
N ASN B 177 2.42 -14.21 -5.33
CA ASN B 177 3.71 -14.37 -5.96
C ASN B 177 4.88 -13.84 -5.16
N ASP B 178 4.86 -14.10 -3.85
CA ASP B 178 5.92 -13.67 -2.97
C ASP B 178 6.88 -14.83 -2.77
N LYS B 179 8.17 -14.51 -2.68
CA LYS B 179 9.21 -15.51 -2.49
C LYS B 179 8.96 -16.45 -1.33
N GLU B 180 8.75 -15.89 -0.14
CA GLU B 180 8.53 -16.70 1.04
C GLU B 180 7.27 -17.56 0.97
N LEU B 181 6.32 -17.14 0.16
CA LEU B 181 5.09 -17.91 0.00
C LEU B 181 5.37 -19.09 -0.92
N GLN B 182 6.02 -18.83 -2.05
CA GLN B 182 6.33 -19.90 -2.98
C GLN B 182 7.28 -20.89 -2.32
N ARG B 183 8.30 -20.36 -1.65
CA ARG B 183 9.27 -21.22 -0.99
C ARG B 183 8.55 -22.25 -0.15
N ASN B 184 7.56 -21.80 0.61
CA ASN B 184 6.77 -22.66 1.47
C ASN B 184 6.17 -23.81 0.66
N LEU B 185 5.50 -23.47 -0.44
CA LEU B 185 4.89 -24.45 -1.33
C LEU B 185 5.94 -25.42 -1.87
N VAL B 186 7.05 -24.89 -2.35
CA VAL B 186 8.13 -25.69 -2.89
C VAL B 186 8.54 -26.77 -1.89
N GLN B 187 8.60 -26.39 -0.62
CA GLN B 187 8.97 -27.31 0.44
C GLN B 187 7.87 -28.35 0.57
N ARG B 188 6.62 -27.92 0.45
CA ARG B 188 5.48 -28.84 0.55
C ARG B 188 5.60 -29.92 -0.52
N VAL B 189 6.06 -29.51 -1.71
CA VAL B 189 6.23 -30.42 -2.84
C VAL B 189 7.37 -31.39 -2.61
N ILE B 190 8.46 -30.89 -2.03
CA ILE B 190 9.62 -31.73 -1.78
C ILE B 190 9.31 -32.87 -0.82
N ASP B 191 8.34 -32.64 0.05
CA ASP B 191 7.93 -33.63 1.05
C ASP B 191 7.10 -34.77 0.49
N MET B 192 6.27 -34.50 -0.53
CA MET B 192 5.47 -35.57 -1.11
C MET B 192 6.35 -36.46 -1.99
N GLY B 193 7.63 -36.09 -2.06
CA GLY B 193 8.67 -36.80 -2.80
C GLY B 193 8.46 -37.80 -3.94
N ASN B 194 7.39 -37.63 -4.71
CA ASN B 194 7.17 -38.54 -5.83
C ASN B 194 7.06 -37.71 -7.11
N ILE B 195 7.60 -36.50 -7.08
CA ILE B 195 7.58 -35.60 -8.22
C ILE B 195 8.91 -35.51 -8.93
N ASP B 196 8.87 -35.27 -10.25
CA ASP B 196 10.10 -35.17 -11.05
C ASP B 196 10.38 -33.78 -11.59
N TYR B 197 9.36 -32.93 -11.60
CA TYR B 197 9.52 -31.57 -12.11
C TYR B 197 8.62 -30.57 -11.40
N ILE B 198 9.09 -29.32 -11.33
CA ILE B 198 8.28 -28.28 -10.73
C ILE B 198 8.16 -27.13 -11.73
N VAL B 199 7.00 -27.04 -12.36
CA VAL B 199 6.74 -25.97 -13.31
C VAL B 199 6.19 -24.83 -12.46
N GLY B 200 6.87 -23.69 -12.45
CA GLY B 200 6.35 -22.60 -11.63
C GLY B 200 6.70 -21.21 -12.11
N SER B 201 6.34 -20.18 -11.35
CA SER B 201 6.68 -18.82 -11.75
C SER B 201 8.16 -18.63 -11.47
N ALA B 202 8.75 -17.61 -12.08
CA ALA B 202 10.18 -17.35 -11.89
C ALA B 202 10.52 -17.27 -10.40
N VAL B 203 9.67 -16.62 -9.63
CA VAL B 203 9.93 -16.48 -8.21
C VAL B 203 9.90 -17.84 -7.50
N ALA B 204 9.04 -18.73 -7.95
CA ALA B 204 8.97 -20.04 -7.33
C ALA B 204 10.18 -20.88 -7.73
N ILE B 205 10.56 -20.84 -9.01
CA ILE B 205 11.71 -21.61 -9.43
C ILE B 205 12.94 -21.10 -8.67
N GLU B 206 13.05 -19.78 -8.55
CA GLU B 206 14.16 -19.15 -7.84
C GLU B 206 14.21 -19.80 -6.44
N ALA B 207 13.07 -19.79 -5.75
CA ALA B 207 13.01 -20.39 -4.42
C ALA B 207 13.41 -21.86 -4.44
N ALA B 208 12.86 -22.61 -5.39
CA ALA B 208 13.14 -24.04 -5.53
C ALA B 208 14.63 -24.33 -5.72
N ILE B 209 15.34 -23.42 -6.37
CA ILE B 209 16.76 -23.61 -6.61
C ILE B 209 17.48 -23.76 -5.28
N SER B 210 17.22 -22.83 -4.36
CA SER B 210 17.85 -22.88 -3.04
C SER B 210 17.28 -24.06 -2.23
N GLU B 211 15.96 -24.14 -2.16
CA GLU B 211 15.34 -25.21 -1.40
C GLU B 211 15.81 -26.59 -1.85
N LEU B 212 16.02 -26.78 -3.15
CA LEU B 212 16.47 -28.07 -3.64
C LEU B 212 17.94 -28.34 -3.33
N ARG B 213 18.72 -27.27 -3.10
CA ARG B 213 20.12 -27.42 -2.76
C ARG B 213 20.18 -27.80 -1.30
N SER B 214 19.43 -27.04 -0.50
CA SER B 214 19.36 -27.24 0.93
C SER B 214 18.91 -28.64 1.26
N ALA B 215 17.90 -29.12 0.55
CA ALA B 215 17.38 -30.47 0.77
C ALA B 215 18.19 -31.50 -0.02
N ASP B 216 19.26 -31.05 -0.66
CA ASP B 216 20.14 -31.91 -1.46
C ASP B 216 19.40 -32.66 -2.58
N LYS B 217 18.11 -32.37 -2.72
CA LYS B 217 17.27 -32.99 -3.74
C LYS B 217 17.56 -32.52 -5.16
N THR B 218 18.66 -31.79 -5.35
CA THR B 218 19.01 -31.35 -6.69
C THR B 218 19.26 -32.64 -7.44
N HIS B 219 19.12 -32.63 -8.77
CA HIS B 219 19.33 -33.83 -9.57
C HIS B 219 18.15 -34.80 -9.39
N ASP B 220 17.22 -34.45 -8.51
CA ASP B 220 16.07 -35.31 -8.24
C ASP B 220 14.76 -34.67 -8.68
N ILE B 221 14.74 -33.35 -8.75
CA ILE B 221 13.56 -32.62 -9.20
C ILE B 221 13.97 -31.53 -10.20
N GLY B 222 13.43 -31.61 -11.41
CA GLY B 222 13.75 -30.64 -12.43
C GLY B 222 12.94 -29.36 -12.29
N LEU B 223 13.54 -28.24 -12.66
CA LEU B 223 12.83 -26.98 -12.54
C LEU B 223 12.53 -26.35 -13.89
N VAL B 224 11.25 -26.05 -14.12
CA VAL B 224 10.84 -25.40 -15.36
C VAL B 224 10.14 -24.09 -15.00
N SER B 225 10.65 -22.99 -15.52
CA SER B 225 10.04 -21.71 -15.24
C SER B 225 9.06 -21.38 -16.35
N VAL B 226 8.04 -20.63 -15.99
CA VAL B 226 7.03 -20.23 -16.93
C VAL B 226 7.34 -18.83 -17.52
N TYR B 227 8.43 -18.22 -17.05
CA TYR B 227 8.90 -16.92 -17.57
C TYR B 227 10.30 -16.59 -17.03
N LEU B 228 10.95 -15.59 -17.62
CA LEU B 228 12.33 -15.25 -17.27
C LEU B 228 12.58 -14.14 -16.25
N SER B 229 13.78 -14.17 -15.67
CA SER B 229 14.22 -13.18 -14.69
C SER B 229 15.69 -13.44 -14.35
N HIS B 230 16.40 -12.42 -13.84
CA HIS B 230 17.78 -12.65 -13.45
C HIS B 230 17.54 -13.60 -12.31
N GLY B 231 18.35 -14.64 -12.18
CA GLY B 231 18.07 -15.56 -11.10
C GLY B 231 17.61 -16.83 -11.77
N VAL B 232 16.45 -16.77 -12.44
CA VAL B 232 16.00 -17.94 -13.20
C VAL B 232 17.03 -18.05 -14.34
N TYR B 233 17.45 -16.90 -14.85
CA TYR B 233 18.45 -16.86 -15.92
C TYR B 233 19.75 -17.43 -15.39
N ARG B 234 20.28 -16.81 -14.33
CA ARG B 234 21.53 -17.26 -13.76
C ARG B 234 21.39 -18.72 -13.38
N GLY B 235 20.17 -19.14 -13.04
CA GLY B 235 19.91 -20.54 -12.69
C GLY B 235 20.13 -21.43 -13.91
N LEU B 236 19.70 -20.95 -15.07
CA LEU B 236 19.88 -21.67 -16.33
C LEU B 236 21.38 -21.73 -16.60
N LEU B 237 22.00 -20.55 -16.63
CA LEU B 237 23.43 -20.44 -16.90
C LEU B 237 24.27 -21.45 -16.14
N ARG B 238 23.82 -21.78 -14.93
CA ARG B 238 24.56 -22.70 -14.09
C ARG B 238 23.91 -24.05 -13.91
N ASN B 239 23.16 -24.46 -14.95
CA ASN B 239 22.45 -25.74 -14.98
C ASN B 239 21.67 -26.07 -13.73
N LYS B 240 21.05 -25.07 -13.13
CA LYS B 240 20.27 -25.29 -11.93
C LYS B 240 18.80 -25.22 -12.33
N VAL B 241 18.57 -24.91 -13.60
CA VAL B 241 17.23 -24.81 -14.17
C VAL B 241 17.27 -25.51 -15.52
N LEU B 242 16.14 -26.08 -15.93
CA LEU B 242 16.06 -26.79 -17.20
C LEU B 242 15.51 -25.99 -18.35
N PHE B 243 14.53 -25.15 -18.08
CA PHE B 243 13.91 -24.41 -19.15
C PHE B 243 13.15 -23.18 -18.69
N ALA B 244 13.04 -22.21 -19.59
CA ALA B 244 12.30 -21.00 -19.32
C ALA B 244 12.11 -20.25 -20.62
N PRO B 245 10.91 -19.70 -20.85
CA PRO B 245 10.64 -18.96 -22.08
C PRO B 245 10.90 -17.50 -21.76
N THR B 246 11.19 -16.68 -22.76
CA THR B 246 11.41 -15.25 -22.51
C THR B 246 10.46 -14.46 -23.35
N ASP B 247 9.81 -13.47 -22.76
CA ASP B 247 8.92 -12.67 -23.57
C ASP B 247 9.55 -11.29 -23.79
N LYS B 248 10.88 -11.29 -23.82
CA LYS B 248 11.68 -10.08 -24.08
C LYS B 248 11.24 -8.84 -23.28
N MET B 249 11.35 -8.90 -21.95
CA MET B 249 10.94 -7.78 -21.11
C MET B 249 11.56 -6.44 -21.50
N VAL B 250 12.84 -6.46 -21.83
CA VAL B 250 13.53 -5.24 -22.23
C VAL B 250 12.93 -4.71 -23.52
N GLN B 251 12.74 -5.60 -24.49
CA GLN B 251 12.19 -5.21 -25.77
C GLN B 251 10.80 -4.64 -25.64
N GLN B 252 9.95 -5.26 -24.84
CA GLN B 252 8.58 -4.74 -24.69
C GLN B 252 8.66 -3.28 -24.24
N GLY B 253 9.64 -2.99 -23.38
CA GLY B 253 9.83 -1.64 -22.89
C GLY B 253 10.17 -0.68 -24.01
N ARG B 254 11.08 -1.09 -24.88
CA ARG B 254 11.46 -0.25 -26.02
C ARG B 254 10.26 -0.02 -26.91
N LEU B 255 9.75 -1.11 -27.48
CA LEU B 255 8.60 -1.03 -28.36
C LEU B 255 7.59 0.00 -27.89
N SER B 256 7.17 -0.09 -26.63
CA SER B 256 6.19 0.86 -26.13
C SER B 256 6.64 2.32 -26.28
N VAL B 257 7.91 2.61 -25.98
CA VAL B 257 8.41 3.97 -26.12
C VAL B 257 8.38 4.31 -27.60
N MET B 258 8.88 3.41 -28.44
CA MET B 258 8.89 3.62 -29.89
C MET B 258 7.50 3.98 -30.38
N GLN B 259 6.48 3.19 -29.99
CA GLN B 259 5.13 3.51 -30.42
C GLN B 259 4.88 4.98 -30.10
N ALA B 260 4.78 5.27 -28.80
CA ALA B 260 4.52 6.61 -28.31
C ALA B 260 5.29 7.71 -29.05
N ALA B 261 6.59 7.52 -29.25
CA ALA B 261 7.38 8.54 -29.95
C ALA B 261 6.90 8.69 -31.37
N HIS B 262 6.81 7.58 -32.09
CA HIS B 262 6.36 7.60 -33.47
C HIS B 262 5.01 8.27 -33.61
N TYR B 263 4.03 7.80 -32.85
CA TYR B 263 2.71 8.42 -32.90
C TYR B 263 2.79 9.95 -32.86
N LEU B 264 3.39 10.48 -31.80
CA LEU B 264 3.54 11.92 -31.64
C LEU B 264 4.30 12.59 -32.79
N ARG B 265 5.31 11.90 -33.31
CA ARG B 265 6.10 12.44 -34.41
C ARG B 265 5.53 12.06 -35.77
N HIS B 266 4.27 11.61 -35.77
CA HIS B 266 3.59 11.20 -36.99
C HIS B 266 4.49 10.30 -37.85
N GLN B 267 4.80 9.11 -37.34
CA GLN B 267 5.63 8.15 -38.05
C GLN B 267 4.85 6.83 -38.03
N PRO B 268 5.26 5.85 -38.86
CA PRO B 268 4.60 4.53 -38.95
C PRO B 268 4.98 3.64 -37.76
N TYR B 269 4.03 2.87 -37.24
CA TYR B 269 4.32 1.98 -36.12
C TYR B 269 3.23 0.94 -35.94
N GLU B 270 3.59 -0.29 -35.58
CA GLU B 270 2.58 -1.33 -35.41
C GLU B 270 1.69 -0.99 -34.24
N LYS B 271 0.39 -0.85 -34.47
CA LYS B 271 -0.53 -0.50 -33.40
C LYS B 271 -0.59 -1.56 -32.30
N GLN B 272 -0.32 -2.81 -32.67
CA GLN B 272 -0.32 -3.89 -31.71
C GLN B 272 0.92 -4.73 -31.86
N ALA B 273 2.03 -4.21 -31.35
CA ALA B 273 3.29 -4.91 -31.43
C ALA B 273 3.40 -5.90 -30.28
N SER B 274 4.27 -6.89 -30.45
CA SER B 274 4.48 -7.91 -29.45
C SER B 274 5.76 -8.66 -29.82
N PRO B 275 6.71 -8.74 -28.90
CA PRO B 275 7.94 -9.45 -29.22
C PRO B 275 7.63 -10.90 -29.54
N ILE B 276 8.66 -11.64 -29.88
CA ILE B 276 8.51 -13.05 -30.21
C ILE B 276 9.10 -13.90 -29.10
N ILE B 277 8.22 -14.64 -28.42
CA ILE B 277 8.62 -15.52 -27.35
C ILE B 277 9.73 -16.42 -27.82
N LYS B 278 10.69 -16.70 -26.97
CA LYS B 278 11.82 -17.53 -27.35
C LYS B 278 12.13 -18.50 -26.21
N PRO B 279 12.33 -19.79 -26.52
CA PRO B 279 12.64 -20.75 -25.47
C PRO B 279 14.09 -20.71 -25.05
N LEU B 280 14.33 -20.89 -23.76
CA LEU B 280 15.68 -20.89 -23.21
C LEU B 280 16.06 -22.16 -22.42
N THR B 281 17.23 -22.69 -22.74
CA THR B 281 17.74 -23.88 -22.04
C THR B 281 19.20 -23.55 -21.76
N PRO B 282 19.79 -24.16 -20.74
CA PRO B 282 21.20 -23.87 -20.45
C PRO B 282 22.12 -23.79 -21.66
N LYS B 283 22.05 -24.77 -22.55
CA LYS B 283 22.94 -24.75 -23.71
C LYS B 283 22.49 -23.82 -24.83
N THR B 284 21.46 -23.02 -24.62
CA THR B 284 20.99 -22.15 -25.69
C THR B 284 20.71 -20.69 -25.32
N LEU B 285 21.51 -20.13 -24.41
CA LEU B 285 21.34 -18.75 -23.99
C LEU B 285 22.07 -17.80 -24.96
N HIS B 286 21.38 -17.35 -26.00
CA HIS B 286 22.01 -16.47 -26.99
C HIS B 286 22.08 -15.02 -26.53
N ASP B 287 23.30 -14.49 -26.48
CA ASP B 287 23.50 -13.11 -26.06
C ASP B 287 22.43 -12.16 -26.54
N ASP B 288 22.31 -11.97 -27.85
CA ASP B 288 21.30 -11.06 -28.36
C ASP B 288 19.88 -11.37 -27.85
N THR B 289 19.61 -12.62 -27.50
CA THR B 289 18.28 -12.98 -27.00
C THR B 289 18.04 -12.49 -25.57
N ILE B 290 19.05 -12.56 -24.72
CA ILE B 290 18.87 -12.08 -23.36
C ILE B 290 19.02 -10.56 -23.29
N GLU B 291 19.85 -9.97 -24.14
CA GLU B 291 20.03 -8.51 -24.16
C GLU B 291 18.69 -7.80 -24.34
N GLU B 292 17.72 -8.50 -24.94
CA GLU B 292 16.40 -7.92 -25.16
C GLU B 292 15.40 -8.41 -24.11
N SER B 293 15.90 -9.14 -23.11
CA SER B 293 15.04 -9.66 -22.07
C SER B 293 15.32 -9.09 -20.68
N LEU B 294 16.58 -9.16 -20.26
CA LEU B 294 17.00 -8.68 -18.95
C LEU B 294 17.87 -7.44 -18.95
N SER B 295 17.69 -6.59 -17.93
CA SER B 295 18.48 -5.37 -17.80
C SER B 295 19.93 -5.80 -17.54
N PRO B 296 20.91 -4.95 -17.90
CA PRO B 296 22.33 -5.27 -17.70
C PRO B 296 22.63 -5.28 -16.21
N SER B 297 23.76 -5.87 -15.82
CA SER B 297 24.10 -5.92 -14.41
C SER B 297 24.47 -4.51 -13.98
N GLU B 298 24.45 -4.29 -12.67
CA GLU B 298 24.76 -2.99 -12.11
C GLU B 298 23.70 -1.93 -12.44
N TYR B 299 23.09 -1.99 -13.64
CA TYR B 299 22.04 -1.04 -14.02
C TYR B 299 21.04 -0.95 -12.86
N ARG B 300 20.76 0.27 -12.43
CA ARG B 300 19.84 0.47 -11.34
C ARG B 300 18.59 1.22 -11.86
N PRO B 301 17.42 1.04 -11.21
CA PRO B 301 16.17 1.69 -11.61
C PRO B 301 16.30 3.18 -11.89
N THR B 302 16.00 3.56 -13.13
CA THR B 302 16.06 4.96 -13.54
C THR B 302 14.66 5.49 -13.83
N PHE B 303 14.40 6.74 -13.43
CA PHE B 303 13.07 7.31 -13.60
C PHE B 303 12.92 8.52 -14.52
N SER B 304 13.95 8.78 -15.32
CA SER B 304 13.91 9.89 -16.27
C SER B 304 14.96 9.67 -17.35
#